data_6I61
#
_entry.id   6I61
#
_cell.length_a   64.030
_cell.length_b   64.030
_cell.length_c   135.430
_cell.angle_alpha   90.00
_cell.angle_beta   90.00
_cell.angle_gamma   90.00
#
_symmetry.space_group_name_H-M   'P 41 21 2'
#
loop_
_entity.id
_entity.type
_entity.pdbx_description
1 polymer 'Estrogen-related receptor gamma'
2 non-polymer bisphenol-B
3 non-polymer 1,2-ETHANEDIOL
4 non-polymer GLYCEROL
5 water water
#
_entity_poly.entity_id   1
_entity_poly.type   'polypeptide(L)'
_entity_poly.pdbx_seq_one_letter_code
;GPHMLNPQLVQPAKKPYNKIVSHLLVAEPEKIYAMPDPTVPDSDIKALTTLCDLADRELVVIIGWAKHIPGFSTLSLADQ
MSLLQSAWMEILILGVVYRSLSFEDELVYADDYIMDEDQSKLAGLLDLNNAILQLVKKYKSMKLEKEEFVTLKAIALANS
DSMHIEDVEAVQKLQDVLHEALQDYEAGQHMEDPRRAGKMLMTLPLLRQTSTKAVQHFYNIKLEGKVPMHKLFLEMLEAK
V
;
_entity_poly.pdbx_strand_id   A
#
# COMPACT_ATOMS: atom_id res chain seq x y z
N TYR A 17 -9.09 -9.63 -20.30
CA TYR A 17 -9.95 -8.64 -19.65
C TYR A 17 -9.47 -7.21 -19.91
N ASN A 18 -9.77 -6.34 -18.94
CA ASN A 18 -9.48 -4.91 -19.04
C ASN A 18 -7.98 -4.66 -19.23
N LYS A 19 -7.64 -3.73 -20.15
CA LYS A 19 -6.23 -3.51 -20.49
CA LYS A 19 -6.23 -3.51 -20.49
C LYS A 19 -5.49 -2.81 -19.37
N ILE A 20 -6.12 -1.84 -18.70
CA ILE A 20 -5.46 -1.19 -17.58
C ILE A 20 -5.07 -2.21 -16.53
N VAL A 21 -5.94 -3.18 -16.26
CA VAL A 21 -5.63 -4.21 -15.28
C VAL A 21 -4.44 -5.04 -15.75
N SER A 22 -4.45 -5.46 -17.02
CA SER A 22 -3.33 -6.26 -17.51
CA SER A 22 -3.33 -6.25 -17.54
C SER A 22 -2.04 -5.46 -17.47
N HIS A 23 -2.10 -4.16 -17.75
CA HIS A 23 -0.94 -3.29 -17.70
C HIS A 23 -0.39 -3.18 -16.29
N LEU A 24 -1.28 -2.94 -15.32
CA LEU A 24 -0.82 -2.86 -13.93
C LEU A 24 -0.21 -4.17 -13.47
N LEU A 25 -0.72 -5.30 -13.96
CA LEU A 25 -0.13 -6.59 -13.61
C LEU A 25 1.30 -6.70 -14.11
N VAL A 26 1.56 -6.32 -15.36
CA VAL A 26 2.93 -6.45 -15.84
C VAL A 26 3.85 -5.38 -15.27
N ALA A 27 3.30 -4.28 -14.77
CA ALA A 27 4.09 -3.23 -14.13
C ALA A 27 4.38 -3.52 -12.66
N GLU A 28 3.85 -4.61 -12.13
CA GLU A 28 4.04 -4.94 -10.72
C GLU A 28 5.53 -5.14 -10.42
N PRO A 29 6.07 -4.45 -9.41
CA PRO A 29 7.50 -4.63 -9.09
C PRO A 29 7.80 -5.98 -8.50
N GLU A 30 9.06 -6.39 -8.67
CA GLU A 30 9.56 -7.58 -8.01
C GLU A 30 9.61 -7.36 -6.51
N LYS A 31 9.45 -8.44 -5.76
CA LYS A 31 9.58 -8.34 -4.31
C LYS A 31 11.01 -7.97 -3.92
N ILE A 32 11.16 -7.37 -2.75
CA ILE A 32 12.49 -7.09 -2.23
C ILE A 32 12.62 -7.74 -0.87
N TYR A 33 13.86 -7.90 -0.43
CA TYR A 33 14.18 -8.60 0.80
C TYR A 33 14.37 -7.59 1.93
N ALA A 34 14.00 -8.00 3.15
CA ALA A 34 14.17 -7.13 4.30
C ALA A 34 15.61 -7.13 4.79
N MET A 35 16.26 -8.29 4.73
CA MET A 35 17.64 -8.46 5.16
C MET A 35 17.89 -7.91 6.57
N PRO A 36 17.21 -8.44 7.57
CA PRO A 36 17.55 -8.06 8.95
C PRO A 36 19.01 -8.43 9.21
N ASP A 37 19.71 -7.53 9.89
CA ASP A 37 21.16 -7.66 10.15
C ASP A 37 21.40 -8.87 11.06
N PRO A 38 22.05 -9.93 10.57
CA PRO A 38 22.19 -11.14 11.38
C PRO A 38 23.19 -11.00 12.51
N THR A 39 23.94 -9.90 12.57
CA THR A 39 24.89 -9.67 13.66
C THR A 39 24.28 -8.89 14.81
N VAL A 40 23.07 -8.38 14.65
CA VAL A 40 22.45 -7.49 15.62
C VAL A 40 21.51 -8.31 16.50
N PRO A 41 21.56 -8.15 17.83
CA PRO A 41 20.61 -8.88 18.68
C PRO A 41 19.17 -8.45 18.41
N ASP A 42 18.26 -9.42 18.46
CA ASP A 42 16.85 -9.12 18.29
C ASP A 42 16.36 -8.20 19.40
N SER A 43 15.62 -7.17 19.00
CA SER A 43 15.10 -6.16 19.93
C SER A 43 14.00 -5.40 19.21
N ASP A 44 13.27 -4.59 19.97
CA ASP A 44 12.28 -3.73 19.33
C ASP A 44 12.95 -2.75 18.38
N ILE A 45 14.13 -2.25 18.75
CA ILE A 45 14.86 -1.32 17.90
C ILE A 45 15.29 -2.01 16.60
N LYS A 46 15.79 -3.24 16.69
CA LYS A 46 16.18 -3.97 15.48
C LYS A 46 14.97 -4.16 14.55
N ALA A 47 13.83 -4.59 15.12
CA ALA A 47 12.66 -4.86 14.29
C ALA A 47 12.18 -3.58 13.61
N LEU A 48 12.05 -2.50 14.38
CA LEU A 48 11.61 -1.24 13.81
C LEU A 48 12.61 -0.69 12.81
N THR A 49 13.91 -0.84 13.09
CA THR A 49 14.91 -0.37 12.14
C THR A 49 14.82 -1.15 10.83
N THR A 50 14.68 -2.47 10.93
CA THR A 50 14.54 -3.32 9.75
C THR A 50 13.32 -2.92 8.94
N LEU A 51 12.19 -2.69 9.63
CA LEU A 51 10.94 -2.38 8.93
C LEU A 51 11.01 -1.02 8.25
N CYS A 52 11.56 -0.01 8.92
CA CYS A 52 11.65 1.31 8.27
C CYS A 52 12.67 1.31 7.15
N ASP A 53 13.70 0.48 7.27
CA ASP A 53 14.66 0.35 6.17
CA ASP A 53 14.66 0.35 6.17
C ASP A 53 14.00 -0.28 4.96
N LEU A 54 13.21 -1.33 5.18
CA LEU A 54 12.48 -1.98 4.09
C LEU A 54 11.53 -0.98 3.45
N ALA A 55 10.81 -0.22 4.27
CA ALA A 55 9.86 0.77 3.74
C ALA A 55 10.57 1.81 2.89
N ASP A 56 11.75 2.26 3.33
CA ASP A 56 12.49 3.25 2.55
C ASP A 56 12.82 2.72 1.16
N ARG A 57 13.25 1.47 1.07
CA ARG A 57 13.59 0.92 -0.23
C ARG A 57 12.34 0.67 -1.06
N GLU A 58 11.24 0.27 -0.41
CA GLU A 58 9.99 0.08 -1.16
C GLU A 58 9.47 1.40 -1.71
N LEU A 59 9.68 2.51 -0.99
CA LEU A 59 9.22 3.81 -1.48
C LEU A 59 9.92 4.18 -2.78
N VAL A 60 11.21 3.87 -2.89
CA VAL A 60 11.89 4.08 -4.17
C VAL A 60 11.19 3.29 -5.27
N VAL A 61 10.83 2.05 -4.99
CA VAL A 61 10.19 1.20 -5.99
C VAL A 61 8.80 1.71 -6.34
N ILE A 62 8.09 2.25 -5.34
CA ILE A 62 6.73 2.75 -5.59
C ILE A 62 6.77 3.96 -6.51
N ILE A 63 7.73 4.84 -6.29
CA ILE A 63 7.85 6.02 -7.15
C ILE A 63 8.08 5.60 -8.58
N GLY A 64 8.96 4.60 -8.81
CA GLY A 64 9.17 4.12 -10.16
C GLY A 64 7.95 3.42 -10.75
N TRP A 65 7.20 2.69 -9.91
CA TRP A 65 6.02 1.97 -10.38
C TRP A 65 4.94 2.95 -10.84
N ALA A 66 4.79 4.07 -10.14
CA ALA A 66 3.69 4.98 -10.44
C ALA A 66 3.79 5.55 -11.84
N LYS A 67 5.02 5.67 -12.38
CA LYS A 67 5.21 6.14 -13.76
C LYS A 67 4.49 5.28 -14.77
N HIS A 68 4.16 4.04 -14.43
CA HIS A 68 3.45 3.14 -15.33
C HIS A 68 1.94 3.31 -15.28
N ILE A 69 1.42 4.04 -14.31
CA ILE A 69 -0.03 4.23 -14.22
C ILE A 69 -0.47 5.23 -15.28
N PRO A 70 -1.44 4.89 -16.12
CA PRO A 70 -1.79 5.77 -17.25
C PRO A 70 -2.15 7.17 -16.79
N GLY A 71 -1.47 8.16 -17.35
CA GLY A 71 -1.71 9.55 -17.05
C GLY A 71 -0.94 10.11 -15.87
N PHE A 72 -0.37 9.25 -15.02
CA PHE A 72 0.27 9.76 -13.81
C PHE A 72 1.46 10.65 -14.14
N SER A 73 2.31 10.22 -15.08
CA SER A 73 3.52 10.98 -15.39
C SER A 73 3.24 12.25 -16.16
N THR A 74 2.02 12.44 -16.66
CA THR A 74 1.66 13.69 -17.30
C THR A 74 1.17 14.75 -16.30
N LEU A 75 0.91 14.37 -15.05
CA LEU A 75 0.67 15.37 -14.02
C LEU A 75 1.93 16.19 -13.77
N SER A 76 1.75 17.39 -13.21
CA SER A 76 2.90 18.15 -12.77
C SER A 76 3.70 17.35 -11.75
N LEU A 77 4.99 17.65 -11.66
CA LEU A 77 5.82 16.98 -10.66
C LEU A 77 5.30 17.26 -9.26
N ALA A 78 4.73 18.46 -9.03
CA ALA A 78 4.17 18.76 -7.72
C ALA A 78 2.97 17.88 -7.41
N ASP A 79 2.09 17.67 -8.40
CA ASP A 79 0.91 16.83 -8.17
C ASP A 79 1.31 15.37 -8.02
N GLN A 80 2.29 14.91 -8.80
CA GLN A 80 2.82 13.57 -8.61
C GLN A 80 3.32 13.38 -7.19
N MET A 81 4.10 14.34 -6.69
CA MET A 81 4.64 14.24 -5.34
C MET A 81 3.53 14.33 -4.30
N SER A 82 2.52 15.18 -4.52
CA SER A 82 1.43 15.30 -3.56
C SER A 82 0.66 13.99 -3.41
N LEU A 83 0.37 13.33 -4.54
CA LEU A 83 -0.33 12.06 -4.48
C LEU A 83 0.49 11.02 -3.75
N LEU A 84 1.78 10.92 -4.08
CA LEU A 84 2.63 9.91 -3.45
C LEU A 84 2.80 10.20 -1.96
N GLN A 85 2.95 11.48 -1.59
CA GLN A 85 3.10 11.82 -0.18
C GLN A 85 1.82 11.55 0.61
N SER A 86 0.66 11.60 -0.04
CA SER A 86 -0.58 11.29 0.67
C SER A 86 -0.83 9.79 0.75
N ALA A 87 -0.39 9.03 -0.25
CA ALA A 87 -0.86 7.65 -0.41
C ALA A 87 0.16 6.60 0.01
N TRP A 88 1.39 6.98 0.34
CA TRP A 88 2.47 6.00 0.40
C TRP A 88 2.21 4.93 1.44
N MET A 89 1.65 5.31 2.60
CA MET A 89 1.43 4.34 3.66
C MET A 89 0.35 3.34 3.26
N GLU A 90 -0.73 3.81 2.62
CA GLU A 90 -1.75 2.88 2.14
CA GLU A 90 -1.74 2.88 2.15
C GLU A 90 -1.18 1.91 1.13
N ILE A 91 -0.29 2.38 0.27
CA ILE A 91 0.29 1.51 -0.75
C ILE A 91 1.17 0.45 -0.10
N LEU A 92 2.01 0.85 0.86
CA LEU A 92 2.85 -0.12 1.57
C LEU A 92 1.99 -1.14 2.31
N ILE A 93 0.96 -0.68 3.00
CA ILE A 93 0.13 -1.59 3.79
C ILE A 93 -0.65 -2.54 2.89
N LEU A 94 -1.20 -2.06 1.78
CA LEU A 94 -1.87 -2.98 0.85
C LEU A 94 -0.91 -4.07 0.37
N GLY A 95 0.38 -3.72 0.20
CA GLY A 95 1.37 -4.72 -0.18
C GLY A 95 1.53 -5.84 0.84
N VAL A 96 1.78 -5.50 2.10
CA VAL A 96 1.94 -6.56 3.09
CA VAL A 96 1.93 -6.54 3.12
C VAL A 96 0.64 -7.34 3.23
N VAL A 97 -0.50 -6.67 3.15
CA VAL A 97 -1.78 -7.38 3.22
C VAL A 97 -1.86 -8.44 2.14
N TYR A 98 -1.55 -8.05 0.90
CA TYR A 98 -1.65 -9.01 -0.19
C TYR A 98 -0.66 -10.16 -0.02
N ARG A 99 0.58 -9.85 0.39
CA ARG A 99 1.57 -10.90 0.57
C ARG A 99 1.18 -11.87 1.68
N SER A 100 0.26 -11.47 2.55
CA SER A 100 -0.10 -12.26 3.72
C SER A 100 -1.36 -13.10 3.54
N LEU A 101 -1.99 -13.08 2.35
CA LEU A 101 -3.31 -13.70 2.20
C LEU A 101 -3.27 -15.22 2.38
N SER A 102 -2.17 -15.87 2.03
CA SER A 102 -2.07 -17.32 2.17
CA SER A 102 -2.06 -17.32 2.17
C SER A 102 -1.56 -17.75 3.54
N PHE A 103 -1.38 -16.82 4.46
CA PHE A 103 -0.86 -17.11 5.79
C PHE A 103 -1.97 -16.93 6.82
N GLU A 104 -1.70 -17.40 8.04
CA GLU A 104 -2.68 -17.33 9.13
C GLU A 104 -2.05 -16.59 10.30
N ASP A 105 -2.59 -15.42 10.62
CA ASP A 105 -2.16 -14.62 11.77
C ASP A 105 -0.71 -14.19 11.68
N GLU A 106 -0.16 -14.11 10.46
CA GLU A 106 1.21 -13.67 10.24
C GLU A 106 1.22 -12.63 9.12
N LEU A 107 2.14 -11.68 9.22
CA LEU A 107 2.26 -10.61 8.23
C LEU A 107 3.59 -10.76 7.48
N VAL A 108 3.50 -10.89 6.17
CA VAL A 108 4.68 -11.18 5.31
C VAL A 108 5.18 -9.83 4.81
N TYR A 109 5.98 -9.15 5.65
CA TYR A 109 6.57 -7.90 5.21
C TYR A 109 7.55 -8.15 4.07
N ALA A 110 8.24 -9.27 4.12
CA ALA A 110 9.10 -9.76 3.04
C ALA A 110 9.22 -11.27 3.23
N ASP A 111 9.72 -11.95 2.19
CA ASP A 111 9.88 -13.40 2.30
C ASP A 111 10.78 -13.76 3.47
N ASP A 112 11.73 -12.88 3.80
CA ASP A 112 12.66 -13.10 4.91
C ASP A 112 12.29 -12.29 6.15
N TYR A 113 11.03 -11.85 6.26
CA TYR A 113 10.63 -11.06 7.44
C TYR A 113 9.12 -11.23 7.61
N ILE A 114 8.73 -12.29 8.31
CA ILE A 114 7.34 -12.65 8.55
C ILE A 114 7.08 -12.48 10.04
N MET A 115 6.12 -11.63 10.40
CA MET A 115 5.89 -11.29 11.81
C MET A 115 4.66 -12.05 12.32
N ASP A 116 4.84 -12.80 13.41
CA ASP A 116 3.71 -13.39 14.11
C ASP A 116 3.34 -12.51 15.30
N GLU A 117 2.34 -12.96 16.07
CA GLU A 117 1.82 -12.12 17.15
C GLU A 117 2.90 -11.80 18.19
N ASP A 118 3.73 -12.78 18.53
CA ASP A 118 4.79 -12.54 19.51
C ASP A 118 5.77 -11.48 19.02
N GLN A 119 6.16 -11.53 17.75
CA GLN A 119 7.09 -10.53 17.23
C GLN A 119 6.45 -9.16 17.20
N SER A 120 5.16 -9.09 16.91
CA SER A 120 4.48 -7.79 16.90
C SER A 120 4.49 -7.18 18.29
N LYS A 121 4.20 -8.00 19.32
CA LYS A 121 4.31 -7.54 20.70
C LYS A 121 5.70 -6.98 20.99
N LEU A 122 6.73 -7.73 20.62
CA LEU A 122 8.10 -7.33 20.90
C LEU A 122 8.44 -6.00 20.25
N ALA A 123 7.90 -5.75 19.07
CA ALA A 123 8.19 -4.51 18.35
C ALA A 123 7.28 -3.35 18.76
N GLY A 124 6.32 -3.60 19.64
CA GLY A 124 5.39 -2.56 20.02
C GLY A 124 4.31 -2.30 18.99
N LEU A 125 4.06 -3.28 18.10
CA LEU A 125 3.16 -3.12 16.97
C LEU A 125 1.94 -4.03 17.04
N LEU A 126 1.58 -4.52 18.24
CA LEU A 126 0.53 -5.53 18.32
C LEU A 126 -0.79 -4.97 17.82
N ASP A 127 -1.16 -3.77 18.29
CA ASP A 127 -2.45 -3.20 17.90
C ASP A 127 -2.47 -2.81 16.42
N LEU A 128 -1.36 -2.25 15.93
CA LEU A 128 -1.31 -1.84 14.53
C LEU A 128 -1.28 -3.04 13.60
N ASN A 129 -0.49 -4.06 13.93
CA ASN A 129 -0.46 -5.25 13.09
C ASN A 129 -1.76 -6.02 13.17
N ASN A 130 -2.48 -5.95 14.30
CA ASN A 130 -3.78 -6.59 14.36
C ASN A 130 -4.79 -5.90 13.43
N ALA A 131 -4.69 -4.58 13.26
CA ALA A 131 -5.55 -3.90 12.30
C ALA A 131 -5.19 -4.32 10.88
N ILE A 132 -3.89 -4.46 10.59
CA ILE A 132 -3.52 -4.97 9.28
C ILE A 132 -4.06 -6.39 9.09
N LEU A 133 -4.02 -7.21 10.15
CA LEU A 133 -4.59 -8.55 10.04
C LEU A 133 -6.10 -8.52 9.81
N GLN A 134 -6.79 -7.48 10.29
CA GLN A 134 -8.21 -7.35 9.99
C GLN A 134 -8.44 -7.11 8.50
N LEU A 135 -7.58 -6.28 7.87
CA LEU A 135 -7.62 -6.10 6.42
C LEU A 135 -7.39 -7.41 5.69
N VAL A 136 -6.40 -8.19 6.13
CA VAL A 136 -6.11 -9.48 5.50
C VAL A 136 -7.33 -10.38 5.58
N LYS A 137 -7.94 -10.44 6.77
CA LYS A 137 -9.08 -11.33 6.99
C LYS A 137 -10.22 -10.99 6.04
N LYS A 138 -10.51 -9.70 5.87
CA LYS A 138 -11.59 -9.31 4.97
C LYS A 138 -11.28 -9.68 3.54
N TYR A 139 -10.05 -9.41 3.08
CA TYR A 139 -9.70 -9.76 1.70
C TYR A 139 -9.67 -11.27 1.49
N LYS A 140 -9.29 -12.03 2.52
CA LYS A 140 -9.35 -13.49 2.41
C LYS A 140 -10.78 -13.96 2.14
N SER A 141 -11.74 -13.42 2.90
CA SER A 141 -13.12 -13.83 2.70
C SER A 141 -13.64 -13.41 1.33
N MET A 142 -13.17 -12.29 0.79
CA MET A 142 -13.56 -11.86 -0.54
C MET A 142 -12.76 -12.55 -1.64
N LYS A 143 -11.74 -13.35 -1.29
CA LYS A 143 -10.88 -13.99 -2.29
C LYS A 143 -10.26 -12.96 -3.23
N LEU A 144 -9.63 -11.94 -2.63
CA LEU A 144 -8.95 -10.89 -3.39
C LEU A 144 -7.95 -11.48 -4.39
N GLU A 145 -8.09 -11.06 -5.65
CA GLU A 145 -7.23 -11.49 -6.75
C GLU A 145 -6.09 -10.51 -6.96
N LYS A 146 -4.99 -11.00 -7.56
CA LYS A 146 -3.89 -10.10 -7.88
C LYS A 146 -4.36 -8.94 -8.77
N GLU A 147 -5.23 -9.23 -9.74
CA GLU A 147 -5.79 -8.20 -10.61
C GLU A 147 -6.46 -7.09 -9.81
N GLU A 148 -7.17 -7.48 -8.75
CA GLU A 148 -7.89 -6.51 -7.94
C GLU A 148 -6.94 -5.74 -7.03
N PHE A 149 -5.93 -6.45 -6.49
CA PHE A 149 -4.93 -5.82 -5.65
C PHE A 149 -4.19 -4.70 -6.40
N VAL A 150 -3.70 -4.97 -7.60
CA VAL A 150 -2.93 -3.93 -8.29
C VAL A 150 -3.83 -2.76 -8.68
N THR A 151 -5.09 -3.03 -9.02
CA THR A 151 -6.00 -1.92 -9.35
C THR A 151 -6.32 -1.09 -8.11
N LEU A 152 -6.53 -1.75 -6.96
CA LEU A 152 -6.79 -1.00 -5.73
C LEU A 152 -5.60 -0.17 -5.29
N LYS A 153 -4.37 -0.67 -5.48
CA LYS A 153 -3.18 0.12 -5.17
C LYS A 153 -3.17 1.42 -5.97
N ALA A 154 -3.49 1.31 -7.26
CA ALA A 154 -3.49 2.49 -8.11
C ALA A 154 -4.63 3.43 -7.71
N ILE A 155 -5.81 2.87 -7.41
CA ILE A 155 -6.92 3.69 -6.94
C ILE A 155 -6.56 4.40 -5.64
N ALA A 156 -5.89 3.70 -4.72
CA ALA A 156 -5.50 4.34 -3.46
C ALA A 156 -4.59 5.54 -3.72
N LEU A 157 -3.68 5.42 -4.69
CA LEU A 157 -2.84 6.56 -5.04
C LEU A 157 -3.67 7.73 -5.56
N ALA A 158 -4.56 7.48 -6.52
CA ALA A 158 -5.34 8.56 -7.13
C ALA A 158 -6.34 9.16 -6.15
N ASN A 159 -6.85 8.37 -5.22
CA ASN A 159 -7.90 8.78 -4.30
C ASN A 159 -7.37 9.22 -2.94
N SER A 160 -6.13 9.69 -2.86
CA SER A 160 -5.49 9.80 -1.55
C SER A 160 -5.79 11.10 -0.82
N ASP A 161 -6.58 12.01 -1.42
CA ASP A 161 -7.15 13.16 -0.71
C ASP A 161 -6.09 14.15 -0.26
N SER A 162 -5.08 14.35 -1.07
CA SER A 162 -4.13 15.43 -0.80
C SER A 162 -4.84 16.78 -0.81
N MET A 163 -4.44 17.65 0.10
CA MET A 163 -4.96 19.01 0.17
C MET A 163 -4.24 19.98 -0.76
N HIS A 164 -3.23 19.52 -1.51
CA HIS A 164 -2.33 20.42 -2.22
C HIS A 164 -2.34 20.20 -3.74
N ILE A 165 -3.42 19.65 -4.29
CA ILE A 165 -3.44 19.34 -5.72
C ILE A 165 -3.61 20.62 -6.53
N GLU A 166 -2.80 20.75 -7.59
CA GLU A 166 -2.91 21.87 -8.51
C GLU A 166 -4.02 21.65 -9.54
N ASP A 167 -3.97 20.52 -10.25
CA ASP A 167 -4.92 20.22 -11.33
C ASP A 167 -5.90 19.18 -10.82
N VAL A 168 -6.96 19.66 -10.14
CA VAL A 168 -7.93 18.77 -9.53
C VAL A 168 -8.66 17.94 -10.58
N GLU A 169 -8.99 18.55 -11.72
CA GLU A 169 -9.69 17.83 -12.79
C GLU A 169 -8.83 16.72 -13.37
N ALA A 170 -7.51 16.91 -13.45
CA ALA A 170 -6.66 15.85 -13.98
C ALA A 170 -6.56 14.69 -13.01
N VAL A 171 -6.49 14.99 -11.71
CA VAL A 171 -6.47 13.94 -10.71
C VAL A 171 -7.81 13.20 -10.68
N GLN A 172 -8.93 13.93 -10.87
CA GLN A 172 -10.21 13.25 -10.96
C GLN A 172 -10.27 12.34 -12.17
N LYS A 173 -9.68 12.78 -13.30
CA LYS A 173 -9.62 11.92 -14.47
C LYS A 173 -8.83 10.66 -14.19
N LEU A 174 -7.71 10.78 -13.47
CA LEU A 174 -6.96 9.60 -13.07
C LEU A 174 -7.82 8.67 -12.23
N GLN A 175 -8.53 9.21 -11.24
CA GLN A 175 -9.45 8.40 -10.45
CA GLN A 175 -9.43 8.38 -10.46
C GLN A 175 -10.45 7.68 -11.36
N ASP A 176 -11.02 8.42 -12.32
CA ASP A 176 -12.04 7.85 -13.18
CA ASP A 176 -12.04 7.85 -13.20
C ASP A 176 -11.50 6.71 -14.04
N VAL A 177 -10.30 6.87 -14.61
CA VAL A 177 -9.71 5.86 -15.47
CA VAL A 177 -9.76 5.85 -15.48
C VAL A 177 -9.52 4.55 -14.71
N LEU A 178 -9.01 4.66 -13.48
CA LEU A 178 -8.74 3.45 -12.69
C LEU A 178 -10.02 2.84 -12.12
N HIS A 179 -10.96 3.68 -11.70
CA HIS A 179 -12.26 3.19 -11.26
C HIS A 179 -12.98 2.45 -12.38
N GLU A 180 -12.98 3.02 -13.59
CA GLU A 180 -13.57 2.33 -14.74
C GLU A 180 -12.90 0.97 -14.98
N ALA A 181 -11.56 0.91 -14.81
CA ALA A 181 -10.86 -0.35 -14.97
C ALA A 181 -11.39 -1.41 -14.00
N LEU A 182 -11.57 -1.03 -12.73
CA LEU A 182 -12.12 -1.94 -11.74
C LEU A 182 -13.55 -2.34 -12.10
N GLN A 183 -14.38 -1.36 -12.47
CA GLN A 183 -15.74 -1.63 -12.91
C GLN A 183 -15.76 -2.66 -14.04
N ASP A 184 -15.00 -2.39 -15.09
CA ASP A 184 -14.99 -3.26 -16.26
CA ASP A 184 -14.97 -3.26 -16.26
C ASP A 184 -14.47 -4.64 -15.91
N TYR A 185 -13.40 -4.71 -15.09
CA TYR A 185 -12.86 -6.00 -14.72
C TYR A 185 -13.91 -6.84 -14.01
N GLU A 186 -14.62 -6.24 -13.03
CA GLU A 186 -15.59 -6.99 -12.25
C GLU A 186 -16.81 -7.37 -13.08
N ALA A 187 -17.21 -6.50 -14.01
CA ALA A 187 -18.36 -6.79 -14.86
C ALA A 187 -18.07 -7.98 -15.79
N GLY A 188 -16.82 -8.15 -16.19
CA GLY A 188 -16.46 -9.25 -17.08
C GLY A 188 -16.04 -10.52 -16.37
N GLN A 189 -15.35 -10.39 -15.24
CA GLN A 189 -14.81 -11.55 -14.55
CA GLN A 189 -14.79 -11.52 -14.52
C GLN A 189 -15.69 -12.03 -13.41
N HIS A 190 -16.58 -11.19 -12.88
CA HIS A 190 -17.37 -11.55 -11.71
C HIS A 190 -18.85 -11.22 -11.91
N MET A 191 -19.43 -11.76 -12.99
CA MET A 191 -20.86 -11.56 -13.24
C MET A 191 -21.74 -12.15 -12.15
N GLU A 192 -21.22 -13.10 -11.36
CA GLU A 192 -22.03 -13.67 -10.29
C GLU A 192 -22.29 -12.69 -9.16
N ASP A 193 -21.53 -11.59 -9.09
CA ASP A 193 -21.68 -10.60 -8.03
C ASP A 193 -21.67 -9.22 -8.67
N PRO A 194 -22.84 -8.69 -9.01
CA PRO A 194 -22.89 -7.35 -9.62
C PRO A 194 -22.52 -6.23 -8.68
N ARG A 195 -22.16 -6.52 -7.44
CA ARG A 195 -21.72 -5.49 -6.51
C ARG A 195 -20.26 -5.67 -6.09
N ARG A 196 -19.50 -6.50 -6.80
CA ARG A 196 -18.14 -6.79 -6.32
C ARG A 196 -17.23 -5.56 -6.43
N ALA A 197 -17.33 -4.78 -7.51
CA ALA A 197 -16.51 -3.56 -7.61
C ALA A 197 -16.76 -2.65 -6.42
N GLY A 198 -18.03 -2.43 -6.07
CA GLY A 198 -18.33 -1.57 -4.94
C GLY A 198 -17.85 -2.13 -3.62
N LYS A 199 -17.98 -3.45 -3.44
CA LYS A 199 -17.44 -4.10 -2.26
C LYS A 199 -15.95 -3.85 -2.14
N MET A 200 -15.23 -3.92 -3.27
CA MET A 200 -13.80 -3.63 -3.24
C MET A 200 -13.53 -2.19 -2.85
N LEU A 201 -14.30 -1.25 -3.42
CA LEU A 201 -14.14 0.15 -3.01
C LEU A 201 -14.44 0.33 -1.52
N MET A 202 -15.40 -0.42 -0.99
CA MET A 202 -15.74 -0.26 0.43
C MET A 202 -14.71 -0.88 1.38
N THR A 203 -13.66 -1.54 0.87
CA THR A 203 -12.54 -1.91 1.73
C THR A 203 -11.55 -0.77 1.94
N LEU A 204 -11.65 0.32 1.17
CA LEU A 204 -10.68 1.40 1.25
C LEU A 204 -10.78 2.19 2.55
N PRO A 205 -11.96 2.37 3.17
CA PRO A 205 -11.97 3.10 4.47
C PRO A 205 -11.12 2.44 5.54
N LEU A 206 -11.19 1.10 5.69
CA LEU A 206 -10.34 0.45 6.69
C LEU A 206 -8.86 0.57 6.34
N LEU A 207 -8.52 0.56 5.05
CA LEU A 207 -7.13 0.79 4.66
C LEU A 207 -6.68 2.19 5.07
N ARG A 208 -7.52 3.19 4.82
CA ARG A 208 -7.21 4.57 5.19
C ARG A 208 -7.13 4.72 6.72
N GLN A 209 -8.05 4.09 7.45
CA GLN A 209 -8.03 4.15 8.91
C GLN A 209 -6.73 3.58 9.45
N THR A 210 -6.33 2.41 8.95
CA THR A 210 -5.12 1.76 9.45
C THR A 210 -3.87 2.56 9.07
N SER A 211 -3.84 3.10 7.84
CA SER A 211 -2.72 3.92 7.43
CA SER A 211 -2.71 3.91 7.44
C SER A 211 -2.61 5.19 8.28
N THR A 212 -3.77 5.80 8.62
CA THR A 212 -3.75 7.00 9.46
C THR A 212 -3.10 6.72 10.81
N LYS A 213 -3.46 5.60 11.42
CA LYS A 213 -2.88 5.22 12.71
C LYS A 213 -1.40 4.86 12.56
N ALA A 214 -1.03 4.20 11.45
CA ALA A 214 0.36 3.84 11.24
C ALA A 214 1.24 5.09 11.10
N VAL A 215 0.76 6.08 10.35
CA VAL A 215 1.54 7.31 10.20
C VAL A 215 1.77 7.97 11.55
N GLN A 216 0.72 8.02 12.38
CA GLN A 216 0.87 8.62 13.72
C GLN A 216 1.87 7.83 14.56
N HIS A 217 1.78 6.50 14.52
CA HIS A 217 2.67 5.67 15.32
C HIS A 217 4.13 5.85 14.92
N PHE A 218 4.41 5.82 13.61
CA PHE A 218 5.81 5.93 13.20
C PHE A 218 6.32 7.36 13.26
N TYR A 219 5.44 8.36 13.23
CA TYR A 219 5.89 9.71 13.50
C TYR A 219 6.35 9.86 14.94
N ASN A 220 5.63 9.22 15.87
CA ASN A 220 6.05 9.24 17.27
C ASN A 220 7.38 8.51 17.45
N ILE A 221 7.58 7.41 16.73
CA ILE A 221 8.86 6.71 16.76
C ILE A 221 9.96 7.60 16.20
N LYS A 222 9.66 8.36 15.16
CA LYS A 222 10.63 9.31 14.62
C LYS A 222 11.02 10.35 15.67
N LEU A 223 10.04 10.87 16.40
CA LEU A 223 10.30 11.91 17.40
C LEU A 223 11.12 11.37 18.56
N GLU A 224 10.87 10.11 18.96
CA GLU A 224 11.64 9.52 20.05
C GLU A 224 13.11 9.32 19.71
N GLY A 225 13.46 9.35 18.44
CA GLY A 225 14.86 9.39 18.02
C GLY A 225 15.67 8.15 18.32
N LYS A 226 15.04 7.04 18.70
CA LYS A 226 15.79 5.82 18.99
C LYS A 226 15.87 4.89 17.78
N VAL A 227 15.12 5.14 16.72
CA VAL A 227 15.16 4.28 15.55
C VAL A 227 15.70 5.07 14.37
N PRO A 228 16.87 4.71 13.82
CA PRO A 228 17.40 5.47 12.68
C PRO A 228 16.56 5.25 11.44
N MET A 229 16.37 6.32 10.68
CA MET A 229 15.49 6.32 9.51
C MET A 229 16.18 6.99 8.34
N HIS A 230 15.96 6.45 7.14
CA HIS A 230 16.60 6.96 5.95
C HIS A 230 15.85 8.16 5.37
N LYS A 231 16.51 8.82 4.41
CA LYS A 231 16.08 10.13 3.91
C LYS A 231 14.67 10.10 3.34
N LEU A 232 14.41 9.19 2.40
CA LEU A 232 13.11 9.20 1.72
C LEU A 232 11.97 8.87 2.68
N PHE A 233 12.16 7.85 3.53
CA PHE A 233 11.13 7.52 4.53
C PHE A 233 10.83 8.72 5.41
N LEU A 234 11.86 9.46 5.82
CA LEU A 234 11.65 10.64 6.66
C LEU A 234 10.90 11.72 5.89
N GLU A 235 11.23 11.92 4.61
CA GLU A 235 10.53 12.93 3.82
C GLU A 235 9.06 12.60 3.68
N MET A 236 8.73 11.32 3.44
CA MET A 236 7.34 10.91 3.34
CA MET A 236 7.33 10.93 3.33
C MET A 236 6.63 11.05 4.67
N LEU A 237 7.29 10.62 5.75
CA LEU A 237 6.70 10.75 7.07
C LEU A 237 6.45 12.21 7.43
N GLU A 238 7.42 13.08 7.15
CA GLU A 238 7.29 14.48 7.53
C GLU A 238 6.26 15.20 6.68
N ALA A 239 6.14 14.83 5.40
CA ALA A 239 5.09 15.42 4.58
C ALA A 239 3.71 14.98 5.04
N LYS A 240 3.58 13.70 5.40
CA LYS A 240 2.29 13.10 5.70
C LYS A 240 1.87 13.33 7.15
#